data_6R04
#
_entry.id   6R04
#
_cell.length_a   57.650
_cell.length_b   57.650
_cell.length_c   397.590
_cell.angle_alpha   90.000
_cell.angle_beta   90.000
_cell.angle_gamma   120.000
#
_symmetry.space_group_name_H-M   'P 61 2 2'
#
loop_
_entity.id
_entity.type
_entity.pdbx_description
1 polymer 'Farnesyl diphosphate synthase'
2 non-polymer 'ZINC ION'
3 non-polymer 'SULFATE ION'
4 non-polymer 'ACETATE ION'
5 water water
#
_entity_poly.entity_id   1
_entity_poly.type   'polypeptide(L)'
_entity_poly.pdbx_seq_one_letter_code
;GPMASMERFLSVYDEVQAFLLDQLQSKYEIDPNRARYLRIMMDTTCLGGKYFRGMTVVNVAEGFLAVTQHDEATKERILH
DACVGGWMIEFLQAHYLVEDDIMDGSVMRRGKPCWYRFPGVTTQCAINDGIILKSWTQIMAWHYFADRPFLKDLLCLFQK
VDYATAVGQMYDVTSMCDSNKLDPEVAQPMTTDFAEFTPAIYKRIVKYKTTFYTYLLPLVMGLLVSEAAASVEMNLVERV
AHLIGEYFQVQDDVMDCFTPPEQLGKVGTDIEDAKCSWLAVTFLGKANAAQVAEFKANYGEKDPAKVAVVKRLYSKANLQ
ADFAAYEAEVVREVESLIEQLKVKSPTFAESVAVVWEKTHKRKK
;
_entity_poly.pdbx_strand_id   A
#
loop_
_chem_comp.id
_chem_comp.type
_chem_comp.name
_chem_comp.formula
ACT non-polymer 'ACETATE ION' 'C2 H3 O2 -1'
SO4 non-polymer 'SULFATE ION' 'O4 S -2'
ZN non-polymer 'ZINC ION' 'Zn 2'
#
# COMPACT_ATOMS: atom_id res chain seq x y z
N ALA A 4 16.62 19.17 4.11
CA ALA A 4 15.61 18.34 4.75
C ALA A 4 15.23 17.18 3.84
N SER A 5 14.82 16.07 4.47
CA SER A 5 14.44 14.80 3.85
C SER A 5 13.34 14.95 2.79
N MET A 6 12.24 15.65 3.13
CA MET A 6 11.11 15.87 2.22
C MET A 6 11.50 16.71 1.01
N GLU A 7 12.20 17.80 1.27
CA GLU A 7 12.70 18.76 0.28
C GLU A 7 13.60 18.02 -0.76
N ARG A 8 14.47 17.14 -0.29
CA ARG A 8 15.31 16.35 -1.17
C ARG A 8 14.42 15.39 -1.98
N PHE A 9 13.48 14.70 -1.30
CA PHE A 9 12.59 13.74 -1.95
C PHE A 9 11.80 14.40 -3.10
N LEU A 10 11.16 15.54 -2.82
CA LEU A 10 10.37 16.24 -3.85
C LEU A 10 11.24 16.79 -4.99
N SER A 11 12.49 17.22 -4.70
CA SER A 11 13.41 17.70 -5.75
C SER A 11 13.73 16.57 -6.73
N VAL A 12 13.93 15.37 -6.22
CA VAL A 12 14.21 14.22 -7.06
C VAL A 12 12.99 13.91 -7.93
N TYR A 13 11.76 14.17 -7.42
CA TYR A 13 10.58 13.97 -8.29
C TYR A 13 10.74 14.80 -9.56
N ASP A 14 11.13 16.09 -9.41
CA ASP A 14 11.30 16.96 -10.58
C ASP A 14 12.31 16.38 -11.58
N GLU A 15 13.42 15.85 -11.06
N GLU A 15 13.43 15.84 -11.05
CA GLU A 15 14.48 15.30 -11.88
CA GLU A 15 14.53 15.25 -11.81
C GLU A 15 14.02 14.03 -12.61
C GLU A 15 14.06 14.02 -12.58
N VAL A 16 13.36 13.11 -11.89
CA VAL A 16 12.83 11.88 -12.51
C VAL A 16 11.77 12.24 -13.58
N GLN A 17 10.87 13.17 -13.25
CA GLN A 17 9.85 13.59 -14.21
C GLN A 17 10.53 14.14 -15.47
N ALA A 18 11.48 15.06 -15.30
CA ALA A 18 12.21 15.62 -16.46
C ALA A 18 12.90 14.53 -17.28
N PHE A 19 13.53 13.56 -16.59
CA PHE A 19 14.21 12.46 -17.28
C PHE A 19 13.22 11.65 -18.12
N LEU A 20 12.10 11.24 -17.51
CA LEU A 20 11.14 10.41 -18.21
C LEU A 20 10.55 11.16 -19.38
N LEU A 21 10.16 12.43 -19.20
CA LEU A 21 9.54 13.16 -20.31
C LEU A 21 10.53 13.51 -21.40
N ASP A 22 11.78 13.85 -21.02
CA ASP A 22 12.80 14.16 -22.02
C ASP A 22 13.12 12.92 -22.86
N GLN A 23 13.17 11.72 -22.23
CA GLN A 23 13.43 10.45 -22.94
C GLN A 23 12.28 10.16 -23.90
N LEU A 24 11.03 10.47 -23.50
CA LEU A 24 9.91 10.26 -24.42
C LEU A 24 10.06 11.10 -25.66
N GLN A 25 10.64 12.29 -25.51
CA GLN A 25 10.88 13.20 -26.64
C GLN A 25 12.04 12.73 -27.51
N SER A 26 13.17 12.39 -26.88
CA SER A 26 14.38 12.05 -27.65
C SER A 26 14.39 10.65 -28.25
N LYS A 27 13.71 9.67 -27.60
CA LYS A 27 13.75 8.26 -28.01
C LYS A 27 12.42 7.66 -28.45
N TYR A 28 11.29 8.22 -27.98
CA TYR A 28 9.98 7.62 -28.25
C TYR A 28 9.08 8.43 -29.18
N GLU A 29 9.66 9.45 -29.83
CA GLU A 29 8.99 10.28 -30.83
C GLU A 29 7.73 10.97 -30.32
N ILE A 30 7.67 11.24 -28.99
CA ILE A 30 6.49 11.91 -28.45
C ILE A 30 6.41 13.35 -28.90
N ASP A 31 5.19 13.82 -29.07
CA ASP A 31 4.85 15.18 -29.44
C ASP A 31 4.57 15.94 -28.12
N PRO A 32 4.71 17.28 -28.12
CA PRO A 32 4.54 18.06 -26.86
C PRO A 32 3.21 17.92 -26.15
N ASN A 33 2.12 17.76 -26.90
CA ASN A 33 0.79 17.64 -26.30
C ASN A 33 0.60 16.34 -25.53
N ARG A 34 1.16 15.24 -26.05
CA ARG A 34 1.08 13.95 -25.36
C ARG A 34 2.02 13.92 -24.17
N ALA A 35 3.16 14.65 -24.26
CA ALA A 35 4.10 14.74 -23.13
C ALA A 35 3.44 15.52 -22.00
N ARG A 36 2.64 16.55 -22.36
CA ARG A 36 1.90 17.32 -21.36
C ARG A 36 0.82 16.45 -20.71
N TYR A 37 0.13 15.63 -21.52
CA TYR A 37 -0.89 14.73 -20.96
C TYR A 37 -0.23 13.86 -19.92
N LEU A 38 0.93 13.26 -20.29
CA LEU A 38 1.61 12.34 -19.38
C LEU A 38 2.19 13.02 -18.13
N ARG A 39 2.64 14.30 -18.26
CA ARG A 39 3.16 15.07 -17.12
C ARG A 39 2.01 15.28 -16.13
N ILE A 40 0.82 15.71 -16.64
CA ILE A 40 -0.32 15.93 -15.78
C ILE A 40 -0.75 14.58 -15.16
N MET A 41 -0.76 13.49 -15.93
CA MET A 41 -1.12 12.16 -15.39
C MET A 41 -0.18 11.77 -14.24
N MET A 42 1.12 11.92 -14.44
CA MET A 42 2.12 11.65 -13.41
C MET A 42 1.87 12.51 -12.14
N ASP A 43 1.68 13.81 -12.30
CA ASP A 43 1.45 14.69 -11.14
C ASP A 43 0.18 14.33 -10.41
N THR A 44 -0.89 14.06 -11.17
CA THR A 44 -2.20 13.77 -10.58
C THR A 44 -2.24 12.45 -9.83
N THR A 45 -1.53 11.44 -10.36
CA THR A 45 -1.56 10.10 -9.77
C THR A 45 -0.46 9.86 -8.74
N CYS A 46 0.68 10.55 -8.89
CA CYS A 46 1.82 10.34 -7.98
C CYS A 46 1.94 11.32 -6.83
N LEU A 47 1.35 12.51 -6.93
CA LEU A 47 1.52 13.52 -5.88
C LEU A 47 0.26 13.74 -5.09
N GLY A 48 0.41 14.33 -3.91
CA GLY A 48 -0.72 14.70 -3.05
C GLY A 48 -0.93 13.87 -1.81
N GLY A 49 -0.24 12.72 -1.73
CA GLY A 49 -0.30 11.85 -0.56
C GLY A 49 0.75 12.26 0.47
N LYS A 50 0.97 11.44 1.50
CA LYS A 50 1.97 11.78 2.53
C LYS A 50 3.37 11.30 2.16
N TYR A 51 3.45 10.46 1.11
CA TYR A 51 4.71 9.87 0.65
C TYR A 51 5.32 8.99 1.74
N PHE A 52 4.48 8.33 2.54
CA PHE A 52 5.00 7.49 3.63
C PHE A 52 5.95 6.39 3.13
N ARG A 53 5.57 5.68 2.06
CA ARG A 53 6.36 4.56 1.55
C ARG A 53 7.71 5.04 0.99
N GLY A 54 7.67 6.07 0.15
CA GLY A 54 8.89 6.63 -0.41
C GLY A 54 9.82 7.20 0.64
N MET A 55 9.24 7.94 1.60
CA MET A 55 10.03 8.50 2.70
C MET A 55 10.68 7.44 3.58
N THR A 56 10.05 6.24 3.68
CA THR A 56 10.64 5.17 4.50
C THR A 56 12.01 4.77 3.92
N VAL A 57 12.13 4.67 2.58
CA VAL A 57 13.42 4.32 1.99
C VAL A 57 14.48 5.36 2.39
N VAL A 58 14.10 6.65 2.26
CA VAL A 58 14.99 7.79 2.58
C VAL A 58 15.39 7.70 4.05
N ASN A 59 14.41 7.53 4.97
CA ASN A 59 14.69 7.48 6.42
C ASN A 59 15.64 6.31 6.80
N VAL A 60 15.40 5.12 6.19
CA VAL A 60 16.26 3.94 6.43
C VAL A 60 17.66 4.28 6.00
N ALA A 61 17.80 4.84 4.78
CA ALA A 61 19.14 5.20 4.27
C ALA A 61 19.80 6.28 5.15
N GLU A 62 19.03 7.26 5.63
CA GLU A 62 19.56 8.30 6.54
C GLU A 62 20.11 7.70 7.85
N GLY A 63 19.40 6.68 8.36
CA GLY A 63 19.82 6.00 9.60
C GLY A 63 21.23 5.43 9.45
N PHE A 64 21.47 4.71 8.32
CA PHE A 64 22.78 4.12 8.03
C PHE A 64 23.85 5.15 7.75
N LEU A 65 23.51 6.27 7.08
CA LEU A 65 24.50 7.32 6.81
C LEU A 65 25.09 7.89 8.09
N ALA A 66 24.27 8.02 9.13
CA ALA A 66 24.67 8.58 10.43
C ALA A 66 25.75 7.77 11.13
N VAL A 67 25.90 6.47 10.81
CA VAL A 67 26.87 5.59 11.49
C VAL A 67 27.89 4.93 10.55
N THR A 68 27.91 5.29 9.26
CA THR A 68 28.82 4.64 8.31
C THR A 68 29.73 5.69 7.70
N GLN A 69 31.02 5.35 7.54
CA GLN A 69 32.01 6.27 6.96
C GLN A 69 31.86 6.30 5.44
N HIS A 70 31.75 7.52 4.89
CA HIS A 70 31.57 7.67 3.45
C HIS A 70 32.11 9.01 3.04
N ASP A 71 32.55 9.13 1.79
CA ASP A 71 32.89 10.43 1.24
C ASP A 71 31.55 11.18 1.10
N GLU A 72 31.59 12.53 1.12
CA GLU A 72 30.38 13.35 0.92
C GLU A 72 29.67 12.99 -0.40
N ALA A 73 30.43 12.78 -1.49
CA ALA A 73 29.83 12.45 -2.81
C ALA A 73 29.05 11.13 -2.71
N THR A 74 29.56 10.20 -1.88
CA THR A 74 28.91 8.91 -1.66
C THR A 74 27.65 9.09 -0.83
N LYS A 75 27.68 9.95 0.20
CA LYS A 75 26.47 10.23 1.00
C LYS A 75 25.37 10.81 0.07
N GLU A 76 25.74 11.73 -0.82
CA GLU A 76 24.76 12.32 -1.76
C GLU A 76 24.20 11.29 -2.72
N ARG A 77 25.07 10.37 -3.21
CA ARG A 77 24.69 9.32 -4.15
C ARG A 77 23.69 8.36 -3.47
N ILE A 78 23.95 7.98 -2.20
CA ILE A 78 23.06 7.07 -1.48
C ILE A 78 21.70 7.74 -1.27
N LEU A 79 21.71 9.00 -0.83
CA LEU A 79 20.45 9.74 -0.62
C LEU A 79 19.68 9.89 -1.93
N HIS A 80 20.39 10.18 -3.05
CA HIS A 80 19.70 10.31 -4.32
C HIS A 80 19.12 8.93 -4.72
N ASP A 81 19.89 7.84 -4.49
CA ASP A 81 19.39 6.46 -4.78
C ASP A 81 18.16 6.14 -3.91
N ALA A 82 18.18 6.54 -2.63
CA ALA A 82 17.04 6.30 -1.74
C ALA A 82 15.81 7.07 -2.24
N CYS A 83 16.03 8.31 -2.76
CA CYS A 83 14.89 9.08 -3.29
C CYS A 83 14.34 8.44 -4.54
N VAL A 84 15.22 8.00 -5.45
CA VAL A 84 14.76 7.36 -6.69
C VAL A 84 14.02 6.07 -6.35
N GLY A 85 14.57 5.28 -5.44
CA GLY A 85 13.92 4.04 -5.02
C GLY A 85 12.56 4.30 -4.36
N GLY A 86 12.49 5.35 -3.55
CA GLY A 86 11.25 5.79 -2.90
C GLY A 86 10.24 6.15 -3.98
N TRP A 87 10.68 6.84 -5.06
CA TRP A 87 9.74 7.19 -6.12
C TRP A 87 9.30 5.96 -6.91
N MET A 88 10.15 4.95 -7.04
CA MET A 88 9.70 3.70 -7.69
C MET A 88 8.51 3.14 -6.91
N ILE A 89 8.59 3.19 -5.55
CA ILE A 89 7.47 2.65 -4.78
C ILE A 89 6.24 3.55 -4.88
N GLU A 90 6.43 4.85 -4.87
CA GLU A 90 5.28 5.77 -4.98
C GLU A 90 4.60 5.61 -6.37
N PHE A 91 5.41 5.40 -7.44
CA PHE A 91 4.81 5.20 -8.76
C PHE A 91 4.11 3.84 -8.83
N LEU A 92 4.64 2.84 -8.11
CA LEU A 92 4.04 1.52 -8.06
C LEU A 92 2.67 1.67 -7.37
N GLN A 93 2.64 2.41 -6.24
CA GLN A 93 1.39 2.65 -5.56
C GLN A 93 0.47 3.39 -6.52
N ALA A 94 0.98 4.39 -7.25
CA ALA A 94 0.11 5.16 -8.17
C ALA A 94 -0.53 4.23 -9.20
N HIS A 95 0.25 3.27 -9.72
CA HIS A 95 -0.27 2.24 -10.67
C HIS A 95 -1.44 1.46 -10.04
N TYR A 96 -1.22 0.92 -8.82
N TYR A 96 -1.22 0.96 -8.81
CA TYR A 96 -2.28 0.13 -8.20
CA TYR A 96 -2.25 0.21 -8.10
C TYR A 96 -3.50 0.98 -7.81
C TYR A 96 -3.50 1.04 -7.93
N LEU A 97 -3.37 2.27 -7.44
CA LEU A 97 -4.55 3.10 -7.16
C LEU A 97 -5.34 3.40 -8.41
N VAL A 98 -4.66 3.69 -9.52
CA VAL A 98 -5.35 3.98 -10.78
C VAL A 98 -6.15 2.76 -11.22
N GLU A 99 -5.53 1.56 -11.23
CA GLU A 99 -6.21 0.35 -11.70
C GLU A 99 -7.27 -0.12 -10.71
N ASP A 100 -7.00 -0.06 -9.40
CA ASP A 100 -7.99 -0.48 -8.39
C ASP A 100 -9.20 0.42 -8.43
N ASP A 101 -9.00 1.75 -8.64
CA ASP A 101 -10.18 2.64 -8.72
C ASP A 101 -11.05 2.30 -9.92
N ILE A 102 -10.45 1.91 -11.05
CA ILE A 102 -11.22 1.48 -12.21
C ILE A 102 -11.92 0.14 -11.88
N MET A 103 -11.15 -0.81 -11.32
CA MET A 103 -11.69 -2.12 -10.97
C MET A 103 -12.88 -2.08 -10.06
N ASP A 104 -12.85 -1.17 -9.06
CA ASP A 104 -13.86 -1.02 -8.00
C ASP A 104 -14.95 -0.03 -8.36
N GLY A 105 -14.77 0.73 -9.47
CA GLY A 105 -15.70 1.77 -9.86
C GLY A 105 -15.74 2.87 -8.82
N SER A 106 -14.56 3.19 -8.21
CA SER A 106 -14.45 4.22 -7.20
C SER A 106 -14.71 5.62 -7.78
N VAL A 107 -15.20 6.55 -6.94
CA VAL A 107 -15.58 7.90 -7.37
C VAL A 107 -14.49 8.92 -7.06
N MET A 108 -14.01 8.93 -5.80
CA MET A 108 -13.00 9.86 -5.30
C MET A 108 -11.76 9.17 -4.77
N ARG A 109 -10.63 9.87 -4.84
CA ARG A 109 -9.28 9.47 -4.40
C ARG A 109 -8.48 10.74 -4.08
N ARG A 110 -7.91 10.83 -2.86
CA ARG A 110 -7.11 11.98 -2.36
C ARG A 110 -7.96 13.30 -2.40
N GLY A 111 -9.28 13.14 -2.20
CA GLY A 111 -10.26 14.23 -2.21
C GLY A 111 -10.65 14.77 -3.56
N LYS A 112 -10.05 14.23 -4.64
CA LYS A 112 -10.27 14.62 -6.03
C LYS A 112 -10.92 13.44 -6.81
N PRO A 113 -11.45 13.62 -8.03
CA PRO A 113 -12.01 12.46 -8.74
C PRO A 113 -10.93 11.45 -9.05
N CYS A 114 -11.31 10.17 -9.13
CA CYS A 114 -10.36 9.13 -9.54
C CYS A 114 -9.86 9.47 -10.94
N TRP A 115 -8.61 9.08 -11.25
CA TRP A 115 -8.04 9.45 -12.53
C TRP A 115 -8.91 9.10 -13.74
N TYR A 116 -9.47 7.89 -13.76
CA TYR A 116 -10.25 7.48 -14.93
C TYR A 116 -11.48 8.36 -15.18
N ARG A 117 -11.94 9.06 -14.13
CA ARG A 117 -13.15 9.90 -14.21
C ARG A 117 -12.87 11.28 -14.76
N PHE A 118 -11.57 11.67 -14.88
CA PHE A 118 -11.27 12.98 -15.47
C PHE A 118 -11.88 13.00 -16.90
N PRO A 119 -12.50 14.12 -17.33
CA PRO A 119 -13.20 14.11 -18.63
C PRO A 119 -12.40 13.66 -19.85
N GLY A 120 -11.13 14.10 -19.92
CA GLY A 120 -10.25 13.81 -21.03
C GLY A 120 -9.39 12.58 -20.87
N VAL A 121 -9.71 11.74 -19.85
CA VAL A 121 -8.97 10.51 -19.62
C VAL A 121 -9.79 9.33 -20.11
N THR A 122 -10.83 8.94 -19.34
CA THR A 122 -11.72 7.79 -19.59
C THR A 122 -10.98 6.51 -19.29
N THR A 123 -11.73 5.41 -19.05
CA THR A 123 -11.13 4.11 -18.75
C THR A 123 -10.24 3.64 -19.90
N GLN A 124 -10.61 3.98 -21.14
CA GLN A 124 -9.85 3.56 -22.29
C GLN A 124 -8.40 4.02 -22.16
N CYS A 125 -8.19 5.24 -21.66
CA CYS A 125 -6.84 5.72 -21.48
C CYS A 125 -6.29 5.33 -20.13
N ALA A 126 -7.13 5.42 -19.08
CA ALA A 126 -6.62 5.24 -17.72
C ALA A 126 -6.01 3.88 -17.42
N ILE A 127 -6.57 2.79 -18.00
CA ILE A 127 -5.96 1.49 -17.79
C ILE A 127 -4.53 1.52 -18.33
N ASN A 128 -4.33 2.11 -19.54
CA ASN A 128 -2.98 2.16 -20.09
C ASN A 128 -2.12 3.14 -19.31
N ASP A 129 -2.71 4.25 -18.79
CA ASP A 129 -1.91 5.20 -17.95
C ASP A 129 -1.38 4.47 -16.72
N GLY A 130 -2.20 3.61 -16.10
CA GLY A 130 -1.74 2.83 -14.95
C GLY A 130 -0.60 1.89 -15.33
N ILE A 131 -0.67 1.29 -16.53
CA ILE A 131 0.41 0.41 -17.06
C ILE A 131 1.68 1.26 -17.19
N ILE A 132 1.56 2.46 -17.78
CA ILE A 132 2.73 3.30 -17.96
C ILE A 132 3.36 3.63 -16.59
N LEU A 133 2.54 4.00 -15.57
CA LEU A 133 3.10 4.29 -14.22
C LEU A 133 4.00 3.19 -13.73
N LYS A 134 3.54 1.92 -13.88
CA LYS A 134 4.43 0.82 -13.47
C LYS A 134 5.64 0.69 -14.41
N SER A 135 5.47 0.87 -15.73
CA SER A 135 6.63 0.79 -16.62
C SER A 135 7.70 1.83 -16.23
N TRP A 136 7.26 3.03 -15.80
CA TRP A 136 8.17 4.11 -15.37
C TRP A 136 9.05 3.66 -14.20
N THR A 137 8.53 2.79 -13.33
CA THR A 137 9.36 2.31 -12.20
C THR A 137 10.59 1.57 -12.72
N GLN A 138 10.42 0.75 -13.79
CA GLN A 138 11.50 -0.02 -14.38
C GLN A 138 12.43 0.88 -15.17
N ILE A 139 11.87 1.89 -15.87
CA ILE A 139 12.75 2.82 -16.61
C ILE A 139 13.66 3.56 -15.63
N MET A 140 13.13 4.05 -14.48
CA MET A 140 13.90 4.71 -13.40
C MET A 140 15.04 3.79 -12.93
N ALA A 141 14.69 2.55 -12.59
CA ALA A 141 15.65 1.61 -12.02
C ALA A 141 16.81 1.38 -12.98
N TRP A 142 16.50 1.06 -14.23
CA TRP A 142 17.55 0.77 -15.22
C TRP A 142 18.39 1.98 -15.53
N HIS A 143 17.80 3.19 -15.48
CA HIS A 143 18.58 4.39 -15.77
C HIS A 143 19.45 4.79 -14.57
N TYR A 144 18.83 5.01 -13.40
CA TYR A 144 19.57 5.49 -12.26
C TYR A 144 20.47 4.47 -11.63
N PHE A 145 20.08 3.18 -11.68
CA PHE A 145 20.89 2.14 -11.00
C PHE A 145 21.67 1.22 -11.92
N ALA A 146 21.85 1.63 -13.18
CA ALA A 146 22.54 0.81 -14.18
C ALA A 146 23.83 0.17 -13.69
N ASP A 147 24.70 0.95 -13.03
CA ASP A 147 25.98 0.40 -12.60
C ASP A 147 26.03 -0.01 -11.12
N ARG A 148 24.87 -0.01 -10.43
CA ARG A 148 24.85 -0.28 -9.01
C ARG A 148 24.96 -1.75 -8.70
N PRO A 149 25.70 -2.12 -7.61
CA PRO A 149 25.83 -3.55 -7.27
C PRO A 149 24.49 -4.15 -6.88
N PHE A 150 23.57 -3.31 -6.37
CA PHE A 150 22.29 -3.80 -5.88
C PHE A 150 21.22 -3.88 -6.93
N LEU A 151 21.53 -3.50 -8.19
CA LEU A 151 20.50 -3.50 -9.24
C LEU A 151 19.71 -4.79 -9.35
N LYS A 152 20.39 -5.95 -9.46
CA LYS A 152 19.65 -7.19 -9.60
C LYS A 152 18.78 -7.51 -8.38
N ASP A 153 19.34 -7.33 -7.16
CA ASP A 153 18.55 -7.62 -5.93
C ASP A 153 17.33 -6.71 -5.84
N LEU A 154 17.52 -5.45 -6.22
CA LEU A 154 16.42 -4.48 -6.16
C LEU A 154 15.34 -4.82 -7.19
N LEU A 155 15.73 -5.12 -8.43
CA LEU A 155 14.74 -5.49 -9.45
C LEU A 155 14.02 -6.76 -9.07
N CYS A 156 14.76 -7.78 -8.59
CA CYS A 156 14.13 -9.05 -8.21
C CYS A 156 13.15 -8.88 -7.01
N LEU A 157 13.55 -8.08 -6.00
CA LEU A 157 12.69 -7.79 -4.86
C LEU A 157 11.42 -7.05 -5.33
N PHE A 158 11.61 -6.01 -6.18
CA PHE A 158 10.48 -5.22 -6.65
C PHE A 158 9.47 -6.08 -7.42
N GLN A 159 9.96 -6.98 -8.26
CA GLN A 159 9.13 -7.87 -9.07
C GLN A 159 8.30 -8.81 -8.17
N LYS A 160 8.96 -9.37 -7.16
CA LYS A 160 8.30 -10.31 -6.23
C LYS A 160 7.21 -9.61 -5.42
N VAL A 161 7.50 -8.38 -4.99
CA VAL A 161 6.54 -7.59 -4.20
C VAL A 161 5.35 -7.21 -5.09
N ASP A 162 5.64 -6.74 -6.32
CA ASP A 162 4.58 -6.38 -7.25
C ASP A 162 3.65 -7.59 -7.51
N TYR A 163 4.24 -8.76 -7.77
CA TYR A 163 3.46 -9.98 -8.00
C TYR A 163 2.63 -10.34 -6.73
N ALA A 164 3.24 -10.29 -5.56
CA ALA A 164 2.49 -10.58 -4.31
C ALA A 164 1.27 -9.64 -4.18
N THR A 165 1.46 -8.35 -4.59
CA THR A 165 0.40 -7.35 -4.50
C THR A 165 -0.76 -7.71 -5.43
N ALA A 166 -0.44 -8.10 -6.67
CA ALA A 166 -1.49 -8.48 -7.62
C ALA A 166 -2.23 -9.74 -7.10
N VAL A 167 -1.51 -10.68 -6.47
CA VAL A 167 -2.15 -11.86 -5.87
C VAL A 167 -3.08 -11.38 -4.72
N GLY A 168 -2.59 -10.43 -3.91
CA GLY A 168 -3.39 -9.89 -2.81
C GLY A 168 -4.64 -9.18 -3.31
N GLN A 169 -4.56 -8.50 -4.48
CA GLN A 169 -5.73 -7.85 -5.05
C GLN A 169 -6.78 -8.91 -5.40
N MET A 170 -6.31 -10.05 -5.97
CA MET A 170 -7.20 -11.16 -6.29
C MET A 170 -7.87 -11.68 -5.00
N TYR A 171 -7.10 -11.86 -3.93
CA TYR A 171 -7.66 -12.34 -2.65
C TYR A 171 -8.67 -11.36 -2.11
N ASP A 172 -8.42 -10.06 -2.28
CA ASP A 172 -9.29 -9.01 -1.77
C ASP A 172 -10.62 -8.94 -2.51
N VAL A 173 -10.58 -8.87 -3.85
CA VAL A 173 -11.81 -8.73 -4.64
C VAL A 173 -12.62 -10.04 -4.72
N THR A 174 -12.04 -11.18 -4.29
CA THR A 174 -12.81 -12.44 -4.30
C THR A 174 -13.15 -12.85 -2.86
N SER A 175 -12.92 -11.95 -1.86
CA SER A 175 -13.09 -12.32 -0.45
C SER A 175 -14.51 -12.51 0.01
N MET A 176 -15.48 -12.09 -0.78
CA MET A 176 -16.91 -12.18 -0.44
C MET A 176 -17.59 -13.32 -1.17
N CYS A 177 -16.82 -14.08 -1.92
CA CYS A 177 -17.31 -15.25 -2.62
C CYS A 177 -16.86 -16.49 -1.91
N ASP A 178 -17.59 -17.59 -2.10
CA ASP A 178 -17.20 -18.88 -1.52
C ASP A 178 -16.15 -19.44 -2.42
N SER A 179 -14.98 -19.85 -1.85
CA SER A 179 -13.87 -20.38 -2.66
C SER A 179 -14.28 -21.56 -3.54
N ASN A 180 -15.10 -22.48 -3.01
CA ASN A 180 -15.56 -23.66 -3.74
C ASN A 180 -16.43 -23.33 -4.97
N LYS A 181 -16.97 -22.10 -5.03
CA LYS A 181 -17.81 -21.62 -6.15
C LYS A 181 -17.06 -20.74 -7.19
N LEU A 182 -15.76 -20.42 -6.97
CA LEU A 182 -14.99 -19.62 -7.94
C LEU A 182 -14.91 -20.36 -9.23
N ASP A 183 -15.29 -19.70 -10.32
CA ASP A 183 -15.32 -20.32 -11.62
C ASP A 183 -15.47 -19.23 -12.68
N PRO A 184 -14.52 -19.12 -13.63
CA PRO A 184 -14.68 -18.12 -14.70
C PRO A 184 -15.97 -18.22 -15.50
N GLU A 185 -16.53 -19.41 -15.60
CA GLU A 185 -17.73 -19.63 -16.39
C GLU A 185 -19.03 -19.19 -15.72
N VAL A 186 -19.00 -18.98 -14.38
CA VAL A 186 -20.23 -18.73 -13.61
C VAL A 186 -20.17 -17.44 -12.82
N ALA A 187 -21.21 -16.59 -12.96
CA ALA A 187 -21.28 -15.30 -12.25
C ALA A 187 -21.18 -15.58 -10.74
N GLN A 188 -20.34 -14.82 -10.06
N GLN A 188 -20.32 -14.83 -10.06
CA GLN A 188 -20.02 -15.08 -8.65
CA GLN A 188 -20.01 -15.07 -8.65
C GLN A 188 -21.04 -14.54 -7.66
C GLN A 188 -21.04 -14.54 -7.66
N PRO A 189 -21.76 -15.43 -6.92
CA PRO A 189 -22.70 -14.93 -5.92
C PRO A 189 -21.93 -14.64 -4.63
N MET A 190 -22.42 -13.67 -3.88
CA MET A 190 -21.87 -13.34 -2.58
C MET A 190 -22.12 -14.53 -1.65
N THR A 191 -21.17 -14.80 -0.74
CA THR A 191 -21.33 -15.84 0.27
C THR A 191 -22.59 -15.59 1.09
N THR A 192 -23.20 -16.67 1.60
CA THR A 192 -24.35 -16.53 2.48
C THR A 192 -23.97 -16.98 3.88
N ASP A 193 -22.95 -17.87 3.98
CA ASP A 193 -22.51 -18.38 5.28
C ASP A 193 -21.41 -17.54 5.93
N PHE A 194 -20.60 -16.80 5.13
CA PHE A 194 -19.50 -15.98 5.66
C PHE A 194 -18.48 -16.85 6.43
N ALA A 195 -18.38 -18.15 6.08
CA ALA A 195 -17.41 -19.05 6.71
C ALA A 195 -15.98 -18.64 6.44
N GLU A 196 -15.74 -17.91 5.35
CA GLU A 196 -14.39 -17.47 5.03
C GLU A 196 -14.07 -16.09 5.63
N PHE A 197 -14.95 -15.57 6.52
CA PHE A 197 -14.64 -14.30 7.20
C PHE A 197 -13.98 -14.67 8.53
N THR A 198 -12.70 -15.10 8.45
CA THR A 198 -11.93 -15.52 9.62
C THR A 198 -10.67 -14.67 9.74
N PRO A 199 -10.10 -14.62 10.98
CA PRO A 199 -8.85 -13.87 11.17
C PRO A 199 -7.73 -14.34 10.24
N ALA A 200 -7.54 -15.67 10.06
CA ALA A 200 -6.46 -16.17 9.18
C ALA A 200 -6.65 -15.80 7.71
N ILE A 201 -7.90 -15.81 7.23
CA ILE A 201 -8.16 -15.47 5.82
C ILE A 201 -8.00 -13.98 5.59
N TYR A 202 -8.43 -13.18 6.59
CA TYR A 202 -8.29 -11.73 6.56
C TYR A 202 -6.80 -11.38 6.56
N LYS A 203 -5.99 -12.06 7.42
CA LYS A 203 -4.54 -11.83 7.49
C LYS A 203 -3.90 -12.15 6.15
N ARG A 204 -4.37 -13.21 5.46
CA ARG A 204 -3.82 -13.55 4.14
C ARG A 204 -4.09 -12.40 3.14
N ILE A 205 -5.36 -11.89 3.10
CA ILE A 205 -5.70 -10.77 2.19
C ILE A 205 -4.74 -9.61 2.42
N VAL A 206 -4.67 -9.14 3.66
CA VAL A 206 -3.86 -7.99 4.03
C VAL A 206 -2.38 -8.16 3.77
N LYS A 207 -1.81 -9.34 4.14
CA LYS A 207 -0.40 -9.64 3.95
C LYS A 207 0.00 -9.41 2.51
N TYR A 208 -0.77 -9.95 1.59
CA TYR A 208 -0.41 -9.84 0.17
C TYR A 208 -0.84 -8.54 -0.45
N LYS A 209 -2.06 -8.05 -0.13
CA LYS A 209 -2.53 -6.85 -0.84
C LYS A 209 -1.86 -5.54 -0.42
N THR A 210 -1.40 -5.46 0.85
CA THR A 210 -0.84 -4.23 1.43
C THR A 210 0.57 -4.31 1.97
N THR A 211 0.86 -5.32 2.81
CA THR A 211 2.09 -5.34 3.59
C THR A 211 3.36 -5.44 2.80
N PHE A 212 3.37 -6.18 1.68
CA PHE A 212 4.57 -6.29 0.91
C PHE A 212 5.01 -4.98 0.30
N TYR A 213 4.07 -4.22 -0.30
CA TYR A 213 4.51 -2.99 -0.98
C TYR A 213 4.56 -1.76 -0.05
N THR A 214 3.82 -1.78 1.09
CA THR A 214 3.74 -0.64 1.98
C THR A 214 4.83 -0.65 3.04
N TYR A 215 5.22 -1.83 3.51
CA TYR A 215 6.25 -1.93 4.57
C TYR A 215 7.47 -2.74 4.20
N LEU A 216 7.28 -3.92 3.61
CA LEU A 216 8.47 -4.73 3.34
C LEU A 216 9.37 -4.07 2.27
N LEU A 217 8.77 -3.69 1.14
CA LEU A 217 9.48 -3.06 0.05
C LEU A 217 10.23 -1.79 0.47
N PRO A 218 9.63 -0.81 1.16
CA PRO A 218 10.43 0.38 1.53
C PRO A 218 11.56 0.07 2.49
N LEU A 219 11.34 -0.86 3.43
CA LEU A 219 12.40 -1.21 4.38
C LEU A 219 13.58 -1.90 3.68
N VAL A 220 13.30 -2.93 2.85
CA VAL A 220 14.36 -3.67 2.17
C VAL A 220 15.03 -2.79 1.11
N MET A 221 14.26 -1.91 0.43
CA MET A 221 14.88 -1.00 -0.56
C MET A 221 15.86 -0.06 0.15
N GLY A 222 15.50 0.39 1.36
CA GLY A 222 16.39 1.24 2.16
C GLY A 222 17.69 0.53 2.48
N LEU A 223 17.57 -0.77 2.86
CA LEU A 223 18.74 -1.60 3.14
C LEU A 223 19.58 -1.81 1.87
N LEU A 224 18.93 -2.06 0.72
CA LEU A 224 19.67 -2.32 -0.51
C LEU A 224 20.47 -1.09 -1.02
N VAL A 225 19.87 0.10 -1.05
CA VAL A 225 20.59 1.31 -1.51
C VAL A 225 21.71 1.69 -0.52
N SER A 226 21.63 1.15 0.74
CA SER A 226 22.61 1.39 1.78
C SER A 226 23.69 0.31 1.79
N GLU A 227 23.55 -0.74 0.94
CA GLU A 227 24.43 -1.92 0.91
C GLU A 227 24.53 -2.47 2.34
N ALA A 228 23.36 -2.60 2.99
CA ALA A 228 23.23 -2.98 4.39
C ALA A 228 22.36 -4.19 4.66
N ALA A 229 21.96 -4.94 3.61
CA ALA A 229 21.08 -6.12 3.81
C ALA A 229 21.76 -7.24 4.60
N ALA A 230 23.04 -7.51 4.31
CA ALA A 230 23.78 -8.54 5.05
C ALA A 230 24.30 -7.96 6.39
N SER A 231 23.40 -7.23 7.09
CA SER A 231 23.60 -6.61 8.40
C SER A 231 22.35 -6.81 9.28
N VAL A 232 21.25 -7.31 8.66
CA VAL A 232 19.96 -7.59 9.30
C VAL A 232 19.56 -9.05 9.08
N GLU A 233 18.65 -9.55 9.91
CA GLU A 233 18.08 -10.88 9.80
C GLU A 233 16.80 -10.70 8.95
N MET A 234 16.83 -11.13 7.67
CA MET A 234 15.67 -10.93 6.79
C MET A 234 14.37 -11.55 7.30
N ASN A 235 14.43 -12.70 8.04
CA ASN A 235 13.17 -13.26 8.55
C ASN A 235 12.48 -12.30 9.56
N LEU A 236 13.28 -11.52 10.34
CA LEU A 236 12.73 -10.54 11.29
C LEU A 236 12.11 -9.35 10.54
N VAL A 237 12.77 -8.91 9.44
CA VAL A 237 12.26 -7.79 8.64
C VAL A 237 10.90 -8.19 8.08
N GLU A 238 10.78 -9.39 7.55
CA GLU A 238 9.52 -9.88 7.01
C GLU A 238 8.46 -9.97 8.10
N ARG A 239 8.80 -10.56 9.26
CA ARG A 239 7.83 -10.70 10.35
C ARG A 239 7.34 -9.33 10.85
N VAL A 240 8.26 -8.36 11.06
CA VAL A 240 7.89 -7.02 11.53
C VAL A 240 7.13 -6.24 10.43
N ALA A 241 7.49 -6.39 9.12
CA ALA A 241 6.72 -5.72 8.08
C ALA A 241 5.25 -6.24 8.04
N HIS A 242 5.05 -7.58 8.14
N HIS A 242 5.09 -7.59 8.19
CA HIS A 242 3.70 -8.14 8.06
CA HIS A 242 3.80 -8.30 8.19
C HIS A 242 2.83 -7.79 9.29
C HIS A 242 2.89 -7.72 9.27
N LEU A 243 3.45 -7.62 10.48
CA LEU A 243 2.75 -7.19 11.67
C LEU A 243 2.35 -5.71 11.57
N ILE A 244 3.29 -4.81 11.20
CA ILE A 244 2.96 -3.38 11.09
C ILE A 244 1.92 -3.15 9.97
N GLY A 245 2.09 -3.86 8.86
CA GLY A 245 1.22 -3.77 7.69
C GLY A 245 -0.20 -4.17 8.01
N GLU A 246 -0.36 -5.28 8.76
CA GLU A 246 -1.68 -5.76 9.18
C GLU A 246 -2.35 -4.71 10.04
N TYR A 247 -1.59 -4.12 11.00
CA TYR A 247 -2.09 -3.08 11.90
C TYR A 247 -2.54 -1.86 11.08
N PHE A 248 -1.69 -1.46 10.11
CA PHE A 248 -2.02 -0.34 9.22
C PHE A 248 -3.36 -0.57 8.50
N GLN A 249 -3.55 -1.78 7.94
CA GLN A 249 -4.79 -2.13 7.23
C GLN A 249 -6.03 -2.20 8.15
N VAL A 250 -5.86 -2.66 9.40
CA VAL A 250 -6.97 -2.71 10.34
C VAL A 250 -7.43 -1.27 10.62
N GLN A 251 -6.49 -0.31 10.77
CA GLN A 251 -6.81 1.11 10.97
C GLN A 251 -7.60 1.64 9.75
N ASP A 252 -7.16 1.28 8.53
CA ASP A 252 -7.83 1.72 7.31
C ASP A 252 -9.24 1.14 7.22
N ASP A 253 -9.41 -0.14 7.58
CA ASP A 253 -10.71 -0.79 7.58
C ASP A 253 -11.66 -0.09 8.52
N VAL A 254 -11.20 0.30 9.73
CA VAL A 254 -12.05 1.01 10.69
C VAL A 254 -12.47 2.38 10.14
N MET A 255 -11.53 3.10 9.52
CA MET A 255 -11.75 4.41 8.92
C MET A 255 -12.77 4.43 7.77
N ASP A 256 -12.73 3.41 6.91
CA ASP A 256 -13.63 3.26 5.77
C ASP A 256 -15.10 3.31 6.21
N CYS A 257 -15.39 2.76 7.39
CA CYS A 257 -16.73 2.73 7.94
C CYS A 257 -17.05 3.93 8.83
N PHE A 258 -16.15 4.29 9.78
CA PHE A 258 -16.48 5.34 10.75
C PHE A 258 -15.88 6.74 10.50
N THR A 259 -14.80 6.87 9.68
CA THR A 259 -14.23 8.20 9.42
C THR A 259 -15.11 8.99 8.44
N PRO A 260 -15.53 10.24 8.80
CA PRO A 260 -16.38 11.03 7.88
C PRO A 260 -15.83 11.13 6.45
N PRO A 261 -16.72 11.11 5.42
CA PRO A 261 -16.24 11.19 4.02
C PRO A 261 -15.30 12.35 3.69
N GLU A 262 -15.48 13.52 4.33
CA GLU A 262 -14.64 14.71 4.10
C GLU A 262 -13.20 14.51 4.62
N GLN A 263 -13.06 13.96 5.85
CA GLN A 263 -11.76 13.70 6.47
C GLN A 263 -11.08 12.50 5.81
N LEU A 264 -11.86 11.45 5.45
CA LEU A 264 -11.38 10.25 4.78
C LEU A 264 -10.96 10.57 3.33
N GLY A 265 -11.71 11.46 2.67
CA GLY A 265 -11.47 11.89 1.30
C GLY A 265 -12.36 11.22 0.27
N LYS A 266 -13.09 10.15 0.68
CA LYS A 266 -13.96 9.34 -0.16
C LYS A 266 -15.11 8.74 0.69
N VAL A 267 -16.24 8.39 0.04
CA VAL A 267 -17.37 7.72 0.69
C VAL A 267 -16.95 6.23 0.76
N GLY A 268 -16.83 5.71 1.99
CA GLY A 268 -16.44 4.32 2.23
C GLY A 268 -17.53 3.36 1.81
N THR A 269 -17.15 2.30 1.06
CA THR A 269 -18.11 1.33 0.54
C THR A 269 -17.79 -0.16 0.87
N ASP A 270 -16.92 -0.45 1.87
CA ASP A 270 -16.59 -1.83 2.25
C ASP A 270 -17.81 -2.68 2.60
N ILE A 271 -18.80 -2.08 3.31
CA ILE A 271 -20.04 -2.76 3.68
C ILE A 271 -20.80 -3.12 2.40
N GLU A 272 -21.06 -2.14 1.51
CA GLU A 272 -21.79 -2.36 0.24
C GLU A 272 -21.07 -3.39 -0.62
N ASP A 273 -19.73 -3.32 -0.65
CA ASP A 273 -18.91 -4.22 -1.48
C ASP A 273 -18.73 -5.61 -0.88
N ALA A 274 -19.29 -5.86 0.34
CA ALA A 274 -19.17 -7.10 1.12
C ALA A 274 -17.70 -7.52 1.38
N LYS A 275 -16.82 -6.53 1.56
CA LYS A 275 -15.41 -6.81 1.81
C LYS A 275 -15.16 -7.60 3.09
N CYS A 276 -14.13 -8.45 3.08
CA CYS A 276 -13.76 -9.16 4.28
C CYS A 276 -12.87 -8.19 5.05
N SER A 277 -13.51 -7.28 5.81
CA SER A 277 -12.83 -6.26 6.60
C SER A 277 -12.58 -6.74 8.02
N TRP A 278 -11.70 -6.02 8.75
CA TRP A 278 -11.44 -6.34 10.15
C TRP A 278 -12.72 -6.23 10.97
N LEU A 279 -13.59 -5.26 10.63
CA LEU A 279 -14.86 -5.05 11.34
C LEU A 279 -15.82 -6.21 11.16
N ALA A 280 -15.95 -6.74 9.94
CA ALA A 280 -16.83 -7.86 9.65
C ALA A 280 -16.34 -9.15 10.32
N VAL A 281 -15.03 -9.45 10.22
CA VAL A 281 -14.43 -10.64 10.84
C VAL A 281 -14.54 -10.58 12.37
N THR A 282 -14.15 -9.44 12.98
CA THR A 282 -14.18 -9.22 14.44
C THR A 282 -15.61 -9.26 14.98
N PHE A 283 -16.57 -8.66 14.23
CA PHE A 283 -17.97 -8.69 14.58
C PHE A 283 -18.45 -10.14 14.64
N LEU A 284 -18.13 -10.92 13.58
CA LEU A 284 -18.54 -12.33 13.49
C LEU A 284 -17.85 -13.21 14.56
N GLY A 285 -16.73 -12.75 15.09
CA GLY A 285 -15.98 -13.43 16.13
C GLY A 285 -16.57 -13.26 17.51
N LYS A 286 -17.60 -12.39 17.66
CA LYS A 286 -18.21 -12.15 18.98
C LYS A 286 -19.76 -12.07 18.98
N ALA A 287 -20.39 -11.98 17.80
CA ALA A 287 -21.85 -11.85 17.69
C ALA A 287 -22.63 -13.08 18.16
N ASN A 288 -23.87 -12.89 18.66
CA ASN A 288 -24.73 -14.02 19.01
C ASN A 288 -25.46 -14.47 17.73
N ALA A 289 -26.28 -15.55 17.79
CA ALA A 289 -26.97 -16.06 16.61
C ALA A 289 -27.88 -15.01 15.93
N ALA A 290 -28.64 -14.24 16.73
CA ALA A 290 -29.55 -13.19 16.24
C ALA A 290 -28.77 -12.07 15.50
N GLN A 291 -27.64 -11.62 16.07
CA GLN A 291 -26.79 -10.58 15.47
C GLN A 291 -26.16 -11.06 14.14
N VAL A 292 -25.74 -12.34 14.07
CA VAL A 292 -25.19 -12.94 12.85
C VAL A 292 -26.25 -12.92 11.74
N ALA A 293 -27.48 -13.38 12.07
CA ALA A 293 -28.61 -13.42 11.16
C ALA A 293 -28.95 -12.02 10.62
N GLU A 294 -28.93 -10.98 11.48
CA GLU A 294 -29.19 -9.60 11.07
C GLU A 294 -28.07 -9.09 10.14
N PHE A 295 -26.80 -9.43 10.46
CA PHE A 295 -25.66 -9.07 9.60
C PHE A 295 -25.82 -9.69 8.20
N LYS A 296 -26.17 -11.00 8.12
CA LYS A 296 -26.35 -11.73 6.85
C LYS A 296 -27.45 -11.11 6.00
N ALA A 297 -28.54 -10.65 6.64
CA ALA A 297 -29.66 -10.07 5.91
C ALA A 297 -29.37 -8.66 5.37
N ASN A 298 -28.27 -8.02 5.81
CA ASN A 298 -27.99 -6.63 5.40
C ASN A 298 -26.61 -6.37 4.73
N TYR A 299 -25.61 -7.23 4.98
CA TYR A 299 -24.27 -7.02 4.42
C TYR A 299 -24.16 -7.18 2.90
N GLY A 300 -23.27 -6.41 2.28
CA GLY A 300 -23.01 -6.46 0.86
C GLY A 300 -24.11 -5.95 -0.05
N GLU A 301 -24.90 -4.97 0.45
CA GLU A 301 -25.99 -4.36 -0.30
C GLU A 301 -25.79 -2.85 -0.38
N LYS A 302 -26.07 -2.26 -1.56
CA LYS A 302 -25.89 -0.83 -1.77
C LYS A 302 -26.94 0.02 -1.02
N ASP A 303 -28.10 -0.61 -0.68
CA ASP A 303 -29.20 0.02 0.04
C ASP A 303 -28.72 0.71 1.33
N PRO A 304 -28.94 2.06 1.47
CA PRO A 304 -28.46 2.78 2.66
C PRO A 304 -29.08 2.36 3.99
N ALA A 305 -30.31 1.83 3.97
CA ALA A 305 -31.02 1.36 5.17
C ALA A 305 -30.31 0.11 5.71
N LYS A 306 -29.89 -0.80 4.80
CA LYS A 306 -29.16 -2.02 5.14
C LYS A 306 -27.73 -1.71 5.60
N VAL A 307 -27.10 -0.69 4.99
CA VAL A 307 -25.76 -0.22 5.37
C VAL A 307 -25.79 0.31 6.80
N ALA A 308 -26.81 1.15 7.11
CA ALA A 308 -27.05 1.73 8.43
C ALA A 308 -27.28 0.66 9.51
N VAL A 309 -27.91 -0.48 9.14
CA VAL A 309 -28.14 -1.62 10.05
C VAL A 309 -26.79 -2.26 10.42
N VAL A 310 -25.92 -2.49 9.41
CA VAL A 310 -24.58 -3.07 9.60
C VAL A 310 -23.72 -2.16 10.50
N LYS A 311 -23.74 -0.82 10.25
CA LYS A 311 -23.00 0.18 11.03
C LYS A 311 -23.51 0.20 12.47
N ARG A 312 -24.83 0.08 12.65
CA ARG A 312 -25.48 0.02 13.96
C ARG A 312 -25.05 -1.24 14.71
N LEU A 313 -24.93 -2.40 14.02
CA LEU A 313 -24.50 -3.67 14.63
C LEU A 313 -23.05 -3.58 15.10
N TYR A 314 -22.20 -2.90 14.31
CA TYR A 314 -20.78 -2.67 14.61
C TYR A 314 -20.63 -1.77 15.85
N SER A 315 -21.39 -0.66 15.90
CA SER A 315 -21.40 0.33 16.97
C SER A 315 -21.86 -0.27 18.30
N LYS A 316 -22.92 -1.10 18.25
CA LYS A 316 -23.48 -1.80 19.41
C LYS A 316 -22.62 -2.99 19.85
N ALA A 317 -21.71 -3.49 18.97
CA ALA A 317 -20.84 -4.64 19.24
C ALA A 317 -19.57 -4.31 20.04
N ASN A 318 -19.36 -3.02 20.37
CA ASN A 318 -18.21 -2.52 21.14
C ASN A 318 -16.89 -3.07 20.57
N LEU A 319 -16.66 -2.76 19.29
CA LEU A 319 -15.46 -3.22 18.57
C LEU A 319 -14.21 -2.45 19.00
N GLN A 320 -14.40 -1.34 19.75
CA GLN A 320 -13.31 -0.52 20.31
C GLN A 320 -12.53 -1.36 21.32
N ALA A 321 -13.23 -2.25 22.06
CA ALA A 321 -12.64 -3.17 23.03
C ALA A 321 -11.73 -4.15 22.28
N ASP A 322 -12.25 -4.80 21.22
CA ASP A 322 -11.45 -5.72 20.39
C ASP A 322 -10.27 -5.01 19.74
N PHE A 323 -10.48 -3.76 19.27
CA PHE A 323 -9.40 -3.00 18.63
C PHE A 323 -8.29 -2.70 19.64
N ALA A 324 -8.67 -2.26 20.86
CA ALA A 324 -7.69 -1.96 21.91
C ALA A 324 -6.92 -3.22 22.31
N ALA A 325 -7.60 -4.39 22.34
CA ALA A 325 -6.95 -5.68 22.66
C ALA A 325 -6.01 -6.09 21.55
N TYR A 326 -6.40 -5.87 20.28
CA TYR A 326 -5.57 -6.15 19.11
C TYR A 326 -4.31 -5.25 19.13
N GLU A 327 -4.52 -3.94 19.36
CA GLU A 327 -3.47 -2.92 19.41
C GLU A 327 -2.42 -3.24 20.49
N ALA A 328 -2.89 -3.60 21.71
CA ALA A 328 -2.01 -3.95 22.82
C ALA A 328 -1.12 -5.14 22.44
N GLU A 329 -1.69 -6.14 21.74
CA GLU A 329 -0.99 -7.32 21.23
C GLU A 329 0.05 -6.93 20.18
N VAL A 330 -0.33 -6.10 19.21
CA VAL A 330 0.58 -5.64 18.16
C VAL A 330 1.75 -4.84 18.81
N VAL A 331 1.44 -3.93 19.75
CA VAL A 331 2.48 -3.20 20.51
C VAL A 331 3.51 -4.21 21.11
N ARG A 332 3.03 -5.29 21.76
CA ARG A 332 3.93 -6.29 22.38
C ARG A 332 4.81 -6.96 21.36
N GLU A 333 4.19 -7.40 20.28
CA GLU A 333 4.89 -8.14 19.24
C GLU A 333 5.86 -7.26 18.45
N VAL A 334 5.45 -6.02 18.13
CA VAL A 334 6.32 -5.10 17.37
C VAL A 334 7.54 -4.74 18.23
N GLU A 335 7.32 -4.41 19.50
CA GLU A 335 8.41 -4.12 20.45
C GLU A 335 9.34 -5.33 20.56
N SER A 336 8.78 -6.57 20.64
CA SER A 336 9.58 -7.81 20.67
C SER A 336 10.47 -7.92 19.43
N LEU A 337 9.89 -7.68 18.25
CA LEU A 337 10.65 -7.75 17.00
C LEU A 337 11.71 -6.66 16.89
N ILE A 338 11.40 -5.42 17.34
CA ILE A 338 12.38 -4.32 17.35
C ILE A 338 13.59 -4.72 18.23
N GLU A 339 13.31 -5.32 19.39
CA GLU A 339 14.34 -5.78 20.29
C GLU A 339 15.25 -6.82 19.61
N GLN A 340 14.65 -7.79 18.88
CA GLN A 340 15.36 -8.83 18.17
C GLN A 340 16.23 -8.20 17.07
N LEU A 341 15.72 -7.13 16.41
CA LEU A 341 16.44 -6.39 15.36
C LEU A 341 17.69 -5.68 15.89
N LYS A 342 17.71 -5.34 17.19
CA LYS A 342 18.88 -4.69 17.78
C LYS A 342 20.12 -5.60 17.89
N VAL A 343 19.93 -6.95 17.87
CA VAL A 343 21.06 -7.90 18.01
C VAL A 343 22.06 -7.67 16.87
N LYS A 344 21.54 -7.55 15.64
CA LYS A 344 22.39 -7.35 14.47
C LYS A 344 22.54 -5.89 14.06
N SER A 345 21.51 -5.06 14.24
CA SER A 345 21.58 -3.65 13.83
C SER A 345 20.70 -2.72 14.64
N PRO A 346 21.27 -2.04 15.68
CA PRO A 346 20.48 -1.07 16.45
C PRO A 346 20.00 0.07 15.56
N THR A 347 20.81 0.43 14.53
CA THR A 347 20.46 1.46 13.58
C THR A 347 19.17 1.11 12.83
N PHE A 348 19.09 -0.10 12.25
CA PHE A 348 17.89 -0.50 11.50
C PHE A 348 16.71 -0.64 12.46
N ALA A 349 16.91 -1.23 13.66
CA ALA A 349 15.84 -1.37 14.63
C ALA A 349 15.21 -0.01 14.93
N GLU A 350 16.06 1.05 15.09
CA GLU A 350 15.59 2.40 15.33
C GLU A 350 14.74 2.90 14.16
N SER A 351 15.14 2.57 12.90
CA SER A 351 14.35 2.99 11.74
C SER A 351 12.99 2.33 11.77
N VAL A 352 12.95 1.03 12.15
CA VAL A 352 11.70 0.28 12.31
C VAL A 352 10.83 0.89 13.44
N ALA A 353 11.48 1.34 14.54
CA ALA A 353 10.77 1.98 15.66
C ALA A 353 10.05 3.24 15.15
N VAL A 354 10.73 4.05 14.30
CA VAL A 354 10.19 5.28 13.70
C VAL A 354 8.99 4.94 12.78
N VAL A 355 9.13 3.90 11.95
CA VAL A 355 8.08 3.43 11.06
C VAL A 355 6.84 3.03 11.88
N TRP A 356 7.08 2.30 12.98
CA TRP A 356 6.01 1.88 13.88
C TRP A 356 5.34 3.09 14.51
N GLU A 357 6.14 4.03 15.09
CA GLU A 357 5.62 5.27 15.73
C GLU A 357 4.71 6.03 14.77
N LYS A 358 5.17 6.22 13.53
CA LYS A 358 4.44 6.90 12.47
C LYS A 358 3.13 6.17 12.10
N THR A 359 3.12 4.81 12.18
CA THR A 359 1.91 4.03 11.88
C THR A 359 0.92 4.07 13.06
N HIS A 360 1.44 3.86 14.29
CA HIS A 360 0.68 3.79 15.55
C HIS A 360 -0.10 5.07 15.86
N LYS A 361 0.43 6.25 15.48
CA LYS A 361 -0.17 7.57 15.76
C LYS A 361 -1.23 8.03 14.73
N ARG A 362 -1.05 7.75 13.43
CA ARG A 362 -1.98 8.17 12.37
C ARG A 362 -3.38 7.55 12.49
ZN ZN B . -10.13 0.72 2.75
ZN ZN C . -9.86 -2.56 -4.37
S SO4 D . 0.24 7.88 1.42
O1 SO4 D . -0.55 9.09 1.51
O2 SO4 D . 0.25 7.39 0.02
O3 SO4 D . -0.36 6.85 2.23
O4 SO4 D . 1.63 8.13 1.90
S SO4 E . 19.58 5.50 -20.77
O1 SO4 E . 20.98 5.69 -21.14
O2 SO4 E . 18.84 6.75 -21.03
O3 SO4 E . 19.00 4.40 -21.55
O4 SO4 E . 19.49 5.16 -19.36
C ACT F . 7.65 -12.42 18.74
O ACT F . 7.98 -11.64 17.80
OXT ACT F . 8.30 -13.42 19.13
CH3 ACT F . 6.33 -12.11 19.47
#